data_5NWS
#
_entry.id   5NWS
#
_cell.length_a   79.254
_cell.length_b   129.539
_cell.length_c   111.611
_cell.angle_alpha   90.00
_cell.angle_beta   90.00
_cell.angle_gamma   90.00
#
_symmetry.space_group_name_H-M   'C 2 2 2'
#
loop_
_entity.id
_entity.type
_entity.pdbx_description
1 polymer saAcmM
2 non-polymer GLYCEROL
3 non-polymer 'TETRAETHYLENE GLYCOL'
4 non-polymer 'PROTOPORPHYRIN IX CONTAINING FE'
5 water water
#
_entity_poly.entity_id   1
_entity_poly.type   'polypeptide(L)'
_entity_poly.pdbx_seq_one_letter_code
;GHMSHASHDTGSTTVAGAACPAAGPHMMDPDLLADPFTGYGRLRERGPVVRGRFVDGTPVWFVTRYDDVRAVLRDPRFVN
TPSPVPGEGGADPREGMMDLLNVPEPLRVYLLGSILDSDPPDHPRLRRLVTRAFAARRILGLRPGIERIADRLLAELPRR
EEEDGTVDLLEHFAYPLSITVICELVGIPATDLERWREWGGDLVSMRPERLRHSFPVMIDYCHRLIEQRRAALTDDLLSE
LIRAQDDDGGRLSDIETVTMILTLVLAGHETSAHLIGNGTAALLTHPGQWALLRKDPALLPRAVHELMRWCGSVHVARLR
YATEDLELAGTPVARGDAVQLVLVSANFDPRHYSDPDRLDITRHQEGQAENHVGFGHGIHYCLGATLARQEGEVALARLL
ETYPDLALADGDPEVRRARLPGSWRLDALRLRLRP
;
_entity_poly.pdbx_strand_id   A
#
loop_
_chem_comp.id
_chem_comp.type
_chem_comp.name
_chem_comp.formula
GOL non-polymer GLYCEROL 'C3 H8 O3'
HEM non-polymer 'PROTOPORPHYRIN IX CONTAINING FE' 'C34 H32 Fe N4 O4'
PG4 non-polymer 'TETRAETHYLENE GLYCOL' 'C8 H18 O5'
#
# COMPACT_ATOMS: atom_id res chain seq x y z
N ALA A 23 30.93 -4.46 0.77
CA ALA A 23 29.84 -3.78 1.46
C ALA A 23 28.53 -3.85 0.66
N GLY A 24 28.61 -3.51 -0.64
CA GLY A 24 27.52 -3.74 -1.56
C GLY A 24 26.58 -2.54 -1.69
N PRO A 25 25.54 -2.69 -2.52
CA PRO A 25 24.57 -1.60 -2.68
C PRO A 25 23.90 -1.28 -1.36
N HIS A 26 23.68 0.02 -1.13
CA HIS A 26 22.98 0.55 0.04
C HIS A 26 21.65 1.12 -0.43
N MET A 27 20.58 0.82 0.31
CA MET A 27 19.23 1.25 -0.07
C MET A 27 19.07 2.77 -0.12
N MET A 28 19.91 3.55 0.56
CA MET A 28 19.91 4.98 0.35
C MET A 28 20.89 5.42 -0.73
N ASP A 29 21.43 4.50 -1.51
CA ASP A 29 22.27 4.91 -2.62
C ASP A 29 21.48 5.82 -3.55
N PRO A 30 22.06 6.94 -3.99
CA PRO A 30 21.31 7.85 -4.87
C PRO A 30 20.71 7.21 -6.11
N ASP A 31 21.43 6.31 -6.79
CA ASP A 31 20.86 5.76 -8.02
C ASP A 31 19.72 4.79 -7.73
N LEU A 32 19.74 4.09 -6.58
CA LEU A 32 18.61 3.25 -6.23
C LEU A 32 17.41 4.09 -5.83
N LEU A 33 17.64 5.18 -5.10
CA LEU A 33 16.55 6.05 -4.71
C LEU A 33 15.91 6.69 -5.93
N ALA A 34 16.72 7.10 -6.92
CA ALA A 34 16.20 7.83 -8.06
C ALA A 34 15.60 6.90 -9.11
N ASP A 35 16.19 5.73 -9.31
CA ASP A 35 15.73 4.82 -10.34
C ASP A 35 15.85 3.38 -9.83
N PRO A 36 14.96 2.98 -8.90
CA PRO A 36 14.96 1.59 -8.44
C PRO A 36 14.66 0.60 -9.54
N PHE A 37 13.99 1.01 -10.60
CA PHE A 37 13.72 0.07 -11.68
C PHE A 37 15.03 -0.41 -12.27
N THR A 38 15.85 0.54 -12.72
CA THR A 38 17.15 0.24 -13.28
C THR A 38 18.08 -0.33 -12.21
N GLY A 39 18.14 0.31 -11.04
CA GLY A 39 19.10 -0.07 -10.03
C GLY A 39 18.90 -1.48 -9.49
N TYR A 40 17.66 -1.83 -9.08
CA TYR A 40 17.45 -3.19 -8.60
C TYR A 40 17.36 -4.17 -9.76
N GLY A 41 16.94 -3.71 -10.94
CA GLY A 41 17.05 -4.55 -12.12
C GLY A 41 18.48 -4.96 -12.43
N ARG A 42 19.45 -4.09 -12.14
CA ARG A 42 20.85 -4.49 -12.31
C ARG A 42 21.21 -5.63 -11.38
N LEU A 43 20.95 -5.47 -10.07
CA LEU A 43 21.21 -6.57 -9.13
C LEU A 43 20.47 -7.83 -9.55
N ARG A 44 19.21 -7.68 -9.96
CA ARG A 44 18.43 -8.81 -10.45
C ARG A 44 19.18 -9.59 -11.52
N GLU A 45 19.74 -8.87 -12.50
CA GLU A 45 20.43 -9.57 -13.60
C GLU A 45 21.80 -10.08 -13.18
N ARG A 46 22.49 -9.37 -12.27
CA ARG A 46 23.75 -9.89 -11.78
C ARG A 46 23.57 -11.27 -11.12
N GLY A 47 22.51 -11.45 -10.32
CA GLY A 47 22.27 -12.70 -9.63
C GLY A 47 21.04 -12.67 -8.73
N PRO A 48 20.50 -13.84 -8.39
CA PRO A 48 19.28 -13.88 -7.57
C PRO A 48 19.49 -13.37 -6.16
N VAL A 49 20.69 -13.50 -5.59
CA VAL A 49 20.92 -13.13 -4.20
C VAL A 49 22.22 -12.33 -4.15
N VAL A 50 22.14 -11.10 -3.66
CA VAL A 50 23.28 -10.19 -3.68
C VAL A 50 23.33 -9.47 -2.34
N ARG A 51 24.51 -9.47 -1.71
CA ARG A 51 24.68 -8.83 -0.41
C ARG A 51 24.68 -7.31 -0.52
N GLY A 52 24.14 -6.65 0.49
CA GLY A 52 24.00 -5.22 0.44
C GLY A 52 23.67 -4.67 1.81
N ARG A 53 23.11 -3.47 1.83
CA ARG A 53 22.82 -2.79 3.10
C ARG A 53 21.42 -2.20 3.13
N PHE A 54 20.70 -2.52 4.19
CA PHE A 54 19.43 -1.88 4.55
C PHE A 54 19.62 -0.36 4.76
N VAL A 55 18.50 0.37 4.77
CA VAL A 55 18.56 1.82 5.05
C VAL A 55 19.42 2.10 6.28
N ASP A 56 19.37 1.19 7.27
CA ASP A 56 20.18 1.14 8.47
C ASP A 56 21.68 1.23 8.24
N GLY A 57 22.15 0.75 7.09
CA GLY A 57 23.49 0.20 7.01
C GLY A 57 23.56 -1.25 7.43
N THR A 58 22.50 -1.77 8.05
CA THR A 58 22.38 -3.18 8.40
C THR A 58 22.61 -4.07 7.17
N PRO A 59 23.35 -5.16 7.30
CA PRO A 59 23.55 -6.06 6.15
C PRO A 59 22.28 -6.78 5.75
N VAL A 60 22.03 -6.88 4.44
CA VAL A 60 20.90 -7.64 3.94
C VAL A 60 21.32 -8.49 2.75
N TRP A 61 20.47 -9.46 2.44
CA TRP A 61 20.48 -10.14 1.15
C TRP A 61 19.34 -9.57 0.28
N PHE A 62 19.71 -8.96 -0.85
CA PHE A 62 18.73 -8.53 -1.85
C PHE A 62 18.31 -9.73 -2.70
N VAL A 63 17.01 -10.06 -2.65
CA VAL A 63 16.39 -11.03 -3.53
C VAL A 63 15.44 -10.29 -4.45
N THR A 64 15.56 -10.52 -5.77
CA THR A 64 15.05 -9.57 -6.73
C THR A 64 14.25 -10.18 -7.90
N ARG A 65 14.25 -11.49 -8.07
CA ARG A 65 13.58 -12.09 -9.22
C ARG A 65 12.22 -12.63 -8.83
N TYR A 66 11.29 -12.59 -9.80
CA TYR A 66 9.90 -12.96 -9.55
C TYR A 66 9.79 -14.26 -8.76
N ASP A 67 10.41 -15.36 -9.24
CA ASP A 67 10.19 -16.68 -8.64
C ASP A 67 10.84 -16.79 -7.26
N ASP A 68 12.00 -16.19 -7.08
CA ASP A 68 12.63 -16.29 -5.78
C ASP A 68 11.91 -15.43 -4.74
N VAL A 69 11.38 -14.27 -5.15
CA VAL A 69 10.59 -13.44 -4.23
C VAL A 69 9.38 -14.23 -3.72
N ARG A 70 8.61 -14.83 -4.62
CA ARG A 70 7.47 -15.64 -4.20
C ARG A 70 7.91 -16.82 -3.35
N ALA A 71 9.02 -17.48 -3.72
CA ALA A 71 9.43 -18.66 -2.96
C ALA A 71 9.77 -18.27 -1.52
N VAL A 72 10.48 -17.16 -1.35
CA VAL A 72 10.81 -16.68 -0.02
C VAL A 72 9.55 -16.30 0.75
N LEU A 73 8.62 -15.59 0.12
CA LEU A 73 7.39 -15.20 0.81
C LEU A 73 6.51 -16.41 1.19
N ARG A 74 6.65 -17.54 0.52
CA ARG A 74 5.95 -18.76 0.91
C ARG A 74 6.69 -19.58 1.97
N ASP A 75 7.94 -19.25 2.29
CA ASP A 75 8.79 -20.16 3.06
C ASP A 75 8.65 -19.89 4.55
N PRO A 76 8.15 -20.84 5.36
CA PRO A 76 8.00 -20.59 6.80
C PRO A 76 9.33 -20.41 7.52
N ARG A 77 10.45 -20.79 6.89
CA ARG A 77 11.75 -20.46 7.46
C ARG A 77 12.12 -18.96 7.38
N PHE A 78 11.30 -18.10 6.79
CA PHE A 78 11.61 -16.68 6.78
C PHE A 78 10.55 -15.91 7.54
N VAL A 79 10.94 -15.27 8.65
CA VAL A 79 9.99 -14.64 9.53
C VAL A 79 10.20 -13.13 9.54
N ASN A 80 9.26 -12.43 10.16
CA ASN A 80 9.29 -10.98 10.25
C ASN A 80 9.90 -10.45 11.54
N THR A 81 10.08 -11.29 12.53
CA THR A 81 10.73 -10.88 13.77
C THR A 81 12.26 -10.90 13.62
N PRO A 82 12.94 -9.80 13.93
CA PRO A 82 14.40 -9.78 13.78
C PRO A 82 15.11 -10.66 14.81
N SER A 83 16.37 -10.95 14.48
CA SER A 83 17.25 -11.77 15.30
C SER A 83 17.81 -10.99 16.51
N ASN A 102 11.31 6.80 22.09
CA ASN A 102 10.95 6.84 23.51
C ASN A 102 9.43 6.73 23.72
N VAL A 103 8.91 5.52 23.97
CA VAL A 103 7.47 5.40 24.22
C VAL A 103 7.19 4.49 25.42
N PRO A 104 6.17 4.80 26.23
CA PRO A 104 6.02 4.18 27.56
C PRO A 104 5.65 2.70 27.49
N GLU A 105 5.70 2.06 28.67
CA GLU A 105 5.63 0.59 28.69
C GLU A 105 4.24 0.05 28.43
N PRO A 106 3.17 0.54 29.06
CA PRO A 106 1.84 -0.02 28.74
C PRO A 106 1.41 0.22 27.27
N LEU A 107 1.95 1.23 26.60
CA LEU A 107 1.55 1.53 25.23
C LEU A 107 2.35 0.76 24.21
N ARG A 108 3.38 0.04 24.62
CA ARG A 108 4.24 -0.61 23.65
C ARG A 108 3.48 -1.68 22.87
N VAL A 109 2.58 -2.41 23.55
CA VAL A 109 1.89 -3.53 22.93
C VAL A 109 1.10 -3.09 21.70
N TYR A 110 0.65 -1.84 21.67
CA TYR A 110 -0.05 -1.33 20.49
C TYR A 110 0.84 -1.10 19.27
N LEU A 111 2.17 -1.11 19.42
CA LEU A 111 2.99 -1.09 18.21
C LEU A 111 3.60 -2.43 17.89
N LEU A 112 4.07 -3.12 18.92
CA LEU A 112 4.64 -4.44 18.71
C LEU A 112 3.62 -5.44 18.19
N GLY A 113 2.33 -5.22 18.44
CA GLY A 113 1.28 -6.17 18.10
C GLY A 113 0.74 -6.07 16.69
N SER A 114 1.35 -5.28 15.81
CA SER A 114 0.78 -5.13 14.48
C SER A 114 0.91 -6.43 13.70
N ILE A 115 -0.09 -6.73 12.88
CA ILE A 115 -0.15 -8.02 12.19
C ILE A 115 1.04 -8.21 11.24
N LEU A 116 1.53 -7.13 10.63
CA LEU A 116 2.70 -7.29 9.76
C LEU A 116 3.98 -7.61 10.53
N ASP A 117 4.01 -7.35 11.84
CA ASP A 117 5.13 -7.79 12.67
C ASP A 117 4.90 -9.16 13.29
N SER A 118 3.83 -9.85 12.92
CA SER A 118 3.44 -11.07 13.62
C SER A 118 3.87 -12.31 12.83
N ASP A 119 4.41 -13.29 13.53
CA ASP A 119 4.75 -14.57 12.93
C ASP A 119 3.85 -15.69 13.43
N PRO A 120 3.72 -16.78 12.67
CA PRO A 120 3.14 -17.99 13.28
C PRO A 120 3.97 -18.31 14.53
N PRO A 121 3.34 -18.81 15.59
CA PRO A 121 1.95 -19.22 15.62
C PRO A 121 0.92 -18.12 15.92
N ASP A 122 1.34 -16.88 16.19
CA ASP A 122 0.35 -15.85 16.51
C ASP A 122 -0.36 -15.31 15.26
N HIS A 123 0.35 -15.15 14.14
CA HIS A 123 -0.22 -14.47 12.98
C HIS A 123 -1.51 -15.09 12.44
N PRO A 124 -1.64 -16.43 12.33
CA PRO A 124 -2.84 -16.98 11.66
C PRO A 124 -4.14 -16.60 12.33
N ARG A 125 -4.17 -16.58 13.66
CA ARG A 125 -5.38 -16.21 14.38
C ARG A 125 -5.77 -14.76 14.09
N LEU A 126 -4.81 -13.86 14.28
CA LEU A 126 -5.01 -12.45 13.99
C LEU A 126 -5.50 -12.26 12.54
N ARG A 127 -4.86 -12.96 11.59
CA ARG A 127 -5.21 -12.84 10.18
C ARG A 127 -6.63 -13.34 9.94
N ARG A 128 -7.00 -14.46 10.58
CA ARG A 128 -8.36 -14.96 10.46
C ARG A 128 -9.39 -13.96 10.99
N LEU A 129 -9.14 -13.38 12.16
CA LEU A 129 -10.16 -12.50 12.75
C LEU A 129 -10.38 -11.26 11.88
N VAL A 130 -9.30 -10.61 11.44
CA VAL A 130 -9.49 -9.39 10.66
C VAL A 130 -10.05 -9.72 9.29
N THR A 131 -9.64 -10.86 8.68
CA THR A 131 -10.17 -11.15 7.35
C THR A 131 -11.63 -11.60 7.41
N ARG A 132 -12.03 -12.28 8.50
CA ARG A 132 -13.45 -12.57 8.69
C ARG A 132 -14.25 -11.28 8.84
N ALA A 133 -13.69 -10.27 9.51
CA ALA A 133 -14.35 -8.98 9.60
C ALA A 133 -14.49 -8.34 8.22
N PHE A 134 -13.42 -8.36 7.42
CA PHE A 134 -13.53 -7.84 6.06
C PHE A 134 -14.58 -8.60 5.27
N ALA A 135 -14.65 -9.93 5.42
CA ALA A 135 -15.61 -10.69 4.62
C ALA A 135 -17.04 -10.31 5.01
N ALA A 136 -17.34 -10.20 6.30
CA ALA A 136 -18.67 -9.79 6.71
C ALA A 136 -18.99 -8.36 6.25
N ARG A 137 -17.97 -7.51 6.13
CA ARG A 137 -18.20 -6.13 5.72
C ARG A 137 -18.64 -6.03 4.26
N ARG A 138 -18.22 -6.98 3.42
CA ARG A 138 -18.48 -6.94 1.98
C ARG A 138 -17.80 -5.75 1.30
N ILE A 139 -16.50 -5.86 1.09
CA ILE A 139 -15.73 -4.75 0.55
C ILE A 139 -16.27 -4.28 -0.81
N LEU A 140 -16.75 -5.20 -1.68
CA LEU A 140 -17.19 -4.72 -2.99
C LEU A 140 -18.47 -3.89 -2.90
N GLY A 141 -19.33 -4.18 -1.92
CA GLY A 141 -20.46 -3.30 -1.70
C GLY A 141 -20.08 -1.87 -1.39
N LEU A 142 -18.80 -1.59 -1.11
CA LEU A 142 -18.40 -0.22 -0.82
C LEU A 142 -18.22 0.65 -2.05
N ARG A 143 -18.24 0.07 -3.25
CA ARG A 143 -17.96 0.84 -4.47
C ARG A 143 -18.82 2.10 -4.64
N PRO A 144 -20.15 2.07 -4.46
CA PRO A 144 -20.91 3.32 -4.63
C PRO A 144 -20.48 4.40 -3.65
N GLY A 145 -20.18 4.03 -2.41
CA GLY A 145 -19.70 5.04 -1.47
C GLY A 145 -18.36 5.61 -1.88
N ILE A 146 -17.50 4.79 -2.49
CA ILE A 146 -16.21 5.31 -2.94
C ILE A 146 -16.40 6.28 -4.11
N GLU A 147 -17.33 5.96 -5.01
CA GLU A 147 -17.66 6.86 -6.10
C GLU A 147 -18.18 8.20 -5.58
N ARG A 148 -19.05 8.16 -4.58
CA ARG A 148 -19.58 9.40 -4.05
C ARG A 148 -18.49 10.25 -3.44
N ILE A 149 -17.54 9.64 -2.74
CA ILE A 149 -16.42 10.42 -2.22
C ILE A 149 -15.61 10.99 -3.37
N ALA A 150 -15.33 10.19 -4.40
CA ALA A 150 -14.49 10.67 -5.48
C ALA A 150 -15.19 11.80 -6.26
N ASP A 151 -16.49 11.61 -6.55
CA ASP A 151 -17.27 12.64 -7.25
C ASP A 151 -17.29 13.95 -6.48
N ARG A 152 -17.53 13.85 -5.17
CA ARG A 152 -17.50 15.03 -4.34
C ARG A 152 -16.15 15.73 -4.40
N LEU A 153 -15.07 14.95 -4.30
CA LEU A 153 -13.76 15.57 -4.35
C LEU A 153 -13.48 16.17 -5.72
N LEU A 154 -13.91 15.48 -6.77
CA LEU A 154 -13.64 15.97 -8.13
C LEU A 154 -14.41 17.25 -8.43
N ALA A 155 -15.59 17.42 -7.84
CA ALA A 155 -16.38 18.64 -8.07
C ALA A 155 -15.73 19.85 -7.42
N GLU A 156 -15.02 19.64 -6.32
CA GLU A 156 -14.27 20.68 -5.62
C GLU A 156 -13.01 21.10 -6.36
N LEU A 157 -12.45 20.20 -7.17
CA LEU A 157 -11.11 20.41 -7.72
C LEU A 157 -10.88 21.77 -8.36
N PRO A 158 -11.75 22.27 -9.24
CA PRO A 158 -11.45 23.59 -9.84
C PRO A 158 -11.23 24.70 -8.81
N ARG A 159 -11.89 24.64 -7.65
CA ARG A 159 -11.67 25.60 -6.57
C ARG A 159 -10.37 25.43 -5.84
N ARG A 160 -9.53 24.46 -6.19
CA ARG A 160 -8.24 24.29 -5.54
C ARG A 160 -7.09 24.65 -6.46
N GLU A 161 -7.37 25.17 -7.65
CA GLU A 161 -6.33 25.59 -8.55
C GLU A 161 -5.45 26.67 -7.92
N GLU A 162 -4.19 26.68 -8.30
CA GLU A 162 -3.30 27.76 -7.93
C GLU A 162 -3.41 28.84 -9.00
N GLU A 163 -2.54 29.87 -8.88
CA GLU A 163 -2.57 31.02 -9.78
C GLU A 163 -2.30 30.60 -11.22
N ASP A 164 -1.39 29.66 -11.43
CA ASP A 164 -1.18 29.19 -12.81
C ASP A 164 -2.31 28.35 -13.33
N GLY A 165 -3.45 28.25 -12.64
CA GLY A 165 -4.53 27.42 -13.12
C GLY A 165 -4.29 25.92 -13.06
N THR A 166 -3.23 25.47 -12.40
CA THR A 166 -2.99 24.05 -12.23
C THR A 166 -3.54 23.62 -10.88
N VAL A 167 -3.76 22.32 -10.74
CA VAL A 167 -4.24 21.78 -9.47
C VAL A 167 -3.44 20.53 -9.16
N ASP A 168 -3.09 20.37 -7.88
CA ASP A 168 -2.33 19.21 -7.40
C ASP A 168 -3.30 18.07 -7.10
N LEU A 169 -3.23 17.01 -7.91
CA LEU A 169 -4.11 15.88 -7.72
C LEU A 169 -3.84 15.14 -6.41
N LEU A 170 -2.59 15.15 -5.93
CA LEU A 170 -2.27 14.40 -4.71
C LEU A 170 -3.02 15.00 -3.53
N GLU A 171 -2.80 16.29 -3.28
CA GLU A 171 -3.35 16.92 -2.08
C GLU A 171 -4.87 17.04 -2.14
N HIS A 172 -5.44 17.28 -3.32
CA HIS A 172 -6.86 17.59 -3.34
C HIS A 172 -7.73 16.45 -3.84
N PHE A 173 -7.14 15.33 -4.25
CA PHE A 173 -7.96 14.20 -4.69
C PHE A 173 -7.48 12.88 -4.08
N ALA A 174 -6.24 12.45 -4.39
CA ALA A 174 -5.79 11.12 -3.98
C ALA A 174 -5.73 10.99 -2.46
N TYR A 175 -5.03 11.89 -1.80
CA TYR A 175 -4.92 11.80 -0.34
C TYR A 175 -6.29 11.92 0.35
N PRO A 176 -7.11 12.93 0.06
CA PRO A 176 -8.43 12.97 0.73
C PRO A 176 -9.27 11.74 0.48
N LEU A 177 -9.25 11.20 -0.74
CA LEU A 177 -10.05 10.02 -1.03
C LEU A 177 -9.60 8.83 -0.18
N SER A 178 -8.30 8.58 -0.13
CA SER A 178 -7.78 7.41 0.55
C SER A 178 -8.08 7.46 2.04
N ILE A 179 -7.90 8.62 2.67
CA ILE A 179 -8.11 8.68 4.11
C ILE A 179 -9.60 8.66 4.43
N THR A 180 -10.41 9.24 3.53
CA THR A 180 -11.86 9.21 3.72
C THR A 180 -12.38 7.78 3.62
N VAL A 181 -11.92 7.03 2.61
CA VAL A 181 -12.33 5.63 2.44
C VAL A 181 -11.95 4.79 3.67
N ILE A 182 -10.69 4.91 4.13
CA ILE A 182 -10.28 4.12 5.29
C ILE A 182 -11.10 4.45 6.52
N CYS A 183 -11.25 5.76 6.81
CA CYS A 183 -12.00 6.18 8.00
C CYS A 183 -13.44 5.72 7.93
N GLU A 184 -14.07 5.88 6.76
CA GLU A 184 -15.44 5.43 6.60
C GLU A 184 -15.54 3.90 6.62
N LEU A 185 -14.56 3.19 6.06
CA LEU A 185 -14.53 1.74 6.24
C LEU A 185 -14.62 1.38 7.73
N VAL A 186 -13.76 1.98 8.52
CA VAL A 186 -13.65 1.64 9.94
C VAL A 186 -14.93 2.05 10.69
N GLY A 187 -15.51 3.19 10.32
CA GLY A 187 -16.65 3.77 11.01
C GLY A 187 -16.30 5.02 11.82
N ILE A 188 -15.13 5.61 11.59
CA ILE A 188 -14.72 6.87 12.22
C ILE A 188 -15.67 8.00 11.79
N PRO A 189 -16.21 8.78 12.71
CA PRO A 189 -17.07 9.89 12.33
C PRO A 189 -16.34 10.89 11.41
N ALA A 190 -17.11 11.46 10.47
CA ALA A 190 -16.58 12.46 9.53
C ALA A 190 -15.89 13.63 10.24
N THR A 191 -16.46 14.07 11.36
CA THR A 191 -15.90 15.19 12.10
C THR A 191 -14.52 14.88 12.65
N ASP A 192 -14.10 13.62 12.68
CA ASP A 192 -12.78 13.26 13.15
C ASP A 192 -11.80 12.96 12.03
N LEU A 193 -12.23 13.17 10.77
CA LEU A 193 -11.32 12.97 9.65
C LEU A 193 -9.98 13.66 9.87
N GLU A 194 -10.01 14.97 10.20
CA GLU A 194 -8.77 15.74 10.23
C GLU A 194 -7.85 15.24 11.31
N ARG A 195 -8.44 14.93 12.47
CA ARG A 195 -7.73 14.34 13.60
C ARG A 195 -7.00 13.06 13.19
N TRP A 196 -7.69 12.19 12.44
CA TRP A 196 -7.05 10.95 12.01
C TRP A 196 -5.97 11.20 10.95
N ARG A 197 -6.21 12.18 10.07
CA ARG A 197 -5.16 12.62 9.17
C ARG A 197 -3.88 12.98 9.92
N GLU A 198 -4.02 13.82 10.96
CA GLU A 198 -2.89 14.17 11.81
C GLU A 198 -2.32 12.94 12.51
N TRP A 199 -3.20 12.12 13.11
CA TRP A 199 -2.71 10.92 13.80
C TRP A 199 -1.98 9.98 12.84
N GLY A 200 -2.52 9.78 11.64
CA GLY A 200 -1.79 9.04 10.62
C GLY A 200 -0.39 9.59 10.42
N GLY A 201 -0.28 10.92 10.29
CA GLY A 201 1.03 11.51 10.11
C GLY A 201 1.91 11.28 11.32
N ASP A 202 1.31 11.42 12.51
CA ASP A 202 2.09 11.13 13.73
C ASP A 202 2.64 9.71 13.69
N LEU A 203 1.84 8.76 13.20
CA LEU A 203 2.29 7.38 13.24
C LEU A 203 3.44 7.12 12.28
N VAL A 204 3.44 7.77 11.12
CA VAL A 204 4.53 7.53 10.16
C VAL A 204 5.83 8.18 10.63
N SER A 205 5.75 9.40 11.17
CA SER A 205 6.99 10.09 11.57
C SER A 205 7.55 9.58 12.90
N MET A 206 6.68 9.17 13.84
CA MET A 206 7.08 8.60 15.14
C MET A 206 8.05 9.50 15.91
N ARG A 207 7.87 10.81 15.83
CA ARG A 207 8.66 11.72 16.67
C ARG A 207 8.21 11.59 18.12
N PRO A 208 9.11 11.34 19.07
CA PRO A 208 8.68 11.20 20.47
C PRO A 208 8.03 12.46 21.04
N GLU A 209 8.55 13.64 20.69
CA GLU A 209 7.99 14.89 21.22
C GLU A 209 6.58 15.09 20.71
N ARG A 210 6.20 14.40 19.64
CA ARG A 210 4.80 14.43 19.24
C ARG A 210 4.04 13.25 19.81
N LEU A 211 4.60 12.06 19.74
CA LEU A 211 3.82 10.86 20.03
C LEU A 211 3.58 10.68 21.51
N ARG A 212 4.45 11.19 22.37
CA ARG A 212 4.21 11.05 23.79
C ARG A 212 2.92 11.72 24.21
N HIS A 213 2.37 12.60 23.38
CA HIS A 213 1.05 13.14 23.59
C HIS A 213 -0.02 12.43 22.78
N SER A 214 0.18 12.29 21.48
CA SER A 214 -0.94 11.92 20.61
C SER A 214 -1.18 10.42 20.65
N PHE A 215 -0.14 9.64 20.84
CA PHE A 215 -0.31 8.20 20.87
C PHE A 215 -1.26 7.77 21.98
N PRO A 216 -1.05 8.15 23.26
CA PRO A 216 -2.10 7.88 24.26
C PRO A 216 -3.46 8.43 23.84
N VAL A 217 -3.50 9.63 23.26
CA VAL A 217 -4.77 10.25 22.93
C VAL A 217 -5.51 9.42 21.91
N MET A 218 -4.79 8.94 20.90
CA MET A 218 -5.47 8.20 19.84
C MET A 218 -5.86 6.81 20.31
N ILE A 219 -5.05 6.19 21.18
CA ILE A 219 -5.42 4.89 21.71
C ILE A 219 -6.68 4.99 22.56
N ASP A 220 -6.75 6.03 23.40
CA ASP A 220 -7.97 6.25 24.18
C ASP A 220 -9.14 6.57 23.28
N TYR A 221 -8.92 7.32 22.22
CA TYR A 221 -10.00 7.57 21.27
C TYR A 221 -10.57 6.26 20.75
N CYS A 222 -9.68 5.31 20.45
CA CYS A 222 -10.11 4.06 19.84
C CYS A 222 -10.86 3.20 20.84
N HIS A 223 -10.33 3.04 22.05
CA HIS A 223 -11.04 2.26 23.07
C HIS A 223 -12.45 2.80 23.29
N ARG A 224 -12.61 4.13 23.25
CA ARG A 224 -13.92 4.71 23.50
C ARG A 224 -14.86 4.42 22.34
N LEU A 225 -14.35 4.57 21.11
CA LEU A 225 -15.13 4.21 19.93
C LEU A 225 -15.54 2.73 19.96
N ILE A 226 -14.65 1.84 20.42
CA ILE A 226 -14.99 0.43 20.56
C ILE A 226 -16.13 0.25 21.54
N GLU A 227 -16.00 0.85 22.72
CA GLU A 227 -17.05 0.70 23.72
C GLU A 227 -18.36 1.30 23.22
N GLN A 228 -18.27 2.39 22.46
CA GLN A 228 -19.48 2.97 21.89
C GLN A 228 -20.13 2.01 20.89
N ARG A 229 -19.34 1.44 19.97
CA ARG A 229 -19.92 0.53 18.98
C ARG A 229 -20.42 -0.76 19.62
N ARG A 230 -19.70 -1.27 20.62
CA ARG A 230 -20.17 -2.47 21.32
C ARG A 230 -21.58 -2.26 21.88
N ALA A 231 -21.78 -1.13 22.56
CA ALA A 231 -23.11 -0.84 23.09
C ALA A 231 -24.14 -0.60 22.00
N ALA A 232 -23.70 -0.34 20.76
CA ALA A 232 -24.66 -0.12 19.68
C ALA A 232 -23.97 -0.40 18.34
N LEU A 233 -24.00 -1.66 17.92
CA LEU A 233 -23.29 -2.11 16.73
C LEU A 233 -23.91 -1.50 15.48
N THR A 234 -23.06 -1.24 14.49
CA THR A 234 -23.56 -0.78 13.20
C THR A 234 -23.06 -1.74 12.12
N ASP A 235 -22.94 -1.26 10.89
CA ASP A 235 -22.43 -2.12 9.83
C ASP A 235 -21.02 -1.73 9.40
N ASP A 236 -20.31 -0.95 10.21
CA ASP A 236 -18.97 -0.55 9.84
C ASP A 236 -17.96 -1.65 10.23
N LEU A 237 -16.73 -1.50 9.76
CA LEU A 237 -15.72 -2.53 10.00
C LEU A 237 -15.40 -2.67 11.49
N LEU A 238 -15.43 -1.58 12.26
CA LEU A 238 -15.18 -1.72 13.70
C LEU A 238 -16.16 -2.69 14.33
N SER A 239 -17.44 -2.55 13.98
CA SER A 239 -18.46 -3.47 14.48
C SER A 239 -18.19 -4.90 14.04
N GLU A 240 -17.78 -5.10 12.78
CA GLU A 240 -17.44 -6.44 12.36
C GLU A 240 -16.21 -6.95 13.08
N LEU A 241 -15.22 -6.09 13.38
CA LEU A 241 -14.07 -6.55 14.17
C LEU A 241 -14.50 -6.97 15.56
N ILE A 242 -15.43 -6.21 16.17
CA ILE A 242 -15.93 -6.56 17.49
C ILE A 242 -16.69 -7.88 17.45
N ARG A 243 -17.49 -8.10 16.38
CA ARG A 243 -18.33 -9.28 16.23
CA ARG A 243 -18.33 -9.29 16.26
C ARG A 243 -17.57 -10.52 15.78
N ALA A 244 -16.41 -10.36 15.14
CA ALA A 244 -15.73 -11.48 14.49
C ALA A 244 -15.39 -12.57 15.49
N GLN A 245 -15.44 -13.82 15.04
CA GLN A 245 -15.13 -14.93 15.90
C GLN A 245 -14.25 -15.93 15.17
N ASP A 246 -13.25 -16.44 15.87
CA ASP A 246 -12.52 -17.59 15.39
C ASP A 246 -13.40 -18.83 15.50
N ASP A 247 -12.99 -19.89 14.83
CA ASP A 247 -13.77 -21.13 14.80
C ASP A 247 -13.97 -21.74 16.19
N ASP A 248 -13.05 -21.51 17.12
CA ASP A 248 -13.23 -22.00 18.47
C ASP A 248 -13.98 -21.02 19.34
N GLY A 249 -14.52 -19.96 18.77
CA GLY A 249 -15.21 -18.98 19.57
C GLY A 249 -14.37 -17.80 20.01
N GLY A 250 -13.05 -17.85 19.86
CA GLY A 250 -12.22 -16.76 20.32
C GLY A 250 -12.47 -15.47 19.56
N ARG A 251 -12.14 -14.35 20.19
CA ARG A 251 -12.40 -13.00 19.71
C ARG A 251 -11.12 -12.17 19.81
N LEU A 252 -11.10 -11.04 19.10
CA LEU A 252 -10.07 -10.05 19.32
C LEU A 252 -10.25 -9.37 20.67
N SER A 253 -9.14 -9.16 21.37
CA SER A 253 -9.14 -8.27 22.52
C SER A 253 -9.29 -6.82 22.05
N ASP A 254 -9.76 -5.95 22.96
CA ASP A 254 -9.89 -4.54 22.59
C ASP A 254 -8.52 -3.94 22.21
N ILE A 255 -7.45 -4.35 22.89
CA ILE A 255 -6.12 -3.88 22.53
C ILE A 255 -5.76 -4.32 21.11
N GLU A 256 -6.11 -5.55 20.74
CA GLU A 256 -5.87 -6.01 19.38
C GLU A 256 -6.72 -5.23 18.39
N THR A 257 -7.96 -4.90 18.75
CA THR A 257 -8.80 -4.14 17.84
C THR A 257 -8.27 -2.72 17.64
N VAL A 258 -7.87 -2.07 18.73
CA VAL A 258 -7.21 -0.77 18.60
C VAL A 258 -5.98 -0.90 17.70
N THR A 259 -5.12 -1.88 18.00
CA THR A 259 -3.92 -2.05 17.18
C THR A 259 -4.27 -2.23 15.72
N MET A 260 -5.35 -2.96 15.43
CA MET A 260 -5.74 -3.20 14.06
C MET A 260 -6.19 -1.90 13.37
N ILE A 261 -6.89 -1.03 14.11
CA ILE A 261 -7.33 0.24 13.56
C ILE A 261 -6.12 1.09 13.16
N LEU A 262 -5.18 1.25 14.09
CA LEU A 262 -3.95 1.97 13.78
C LEU A 262 -3.28 1.35 12.57
N THR A 263 -3.18 0.02 12.56
CA THR A 263 -2.48 -0.65 11.47
C THR A 263 -3.16 -0.39 10.12
N LEU A 264 -4.49 -0.38 10.12
CA LEU A 264 -5.20 -0.19 8.84
C LEU A 264 -4.97 1.22 8.28
N VAL A 265 -5.09 2.25 9.13
CA VAL A 265 -4.84 3.61 8.70
C VAL A 265 -3.41 3.75 8.20
N LEU A 266 -2.46 3.24 8.97
CA LEU A 266 -1.06 3.35 8.58
C LEU A 266 -0.77 2.60 7.27
N ALA A 267 -1.38 1.42 7.07
CA ALA A 267 -1.00 0.61 5.93
C ALA A 267 -1.72 1.03 4.66
N GLY A 268 -2.89 1.66 4.79
CA GLY A 268 -3.69 1.94 3.62
C GLY A 268 -3.69 3.39 3.16
N HIS A 269 -3.33 4.32 4.04
CA HIS A 269 -3.54 5.73 3.72
C HIS A 269 -2.64 6.19 2.57
N GLU A 270 -1.32 6.13 2.77
CA GLU A 270 -0.40 6.72 1.78
C GLU A 270 -0.17 5.81 0.58
N THR A 271 -0.15 4.49 0.81
CA THR A 271 -0.02 3.55 -0.30
C THR A 271 -1.09 3.77 -1.35
N SER A 272 -2.36 3.78 -0.93
CA SER A 272 -3.47 3.93 -1.88
C SER A 272 -3.39 5.26 -2.63
N ALA A 273 -3.09 6.36 -1.93
CA ALA A 273 -3.02 7.66 -2.59
C ALA A 273 -1.98 7.66 -3.67
N HIS A 274 -0.87 6.96 -3.45
CA HIS A 274 0.18 7.03 -4.45
C HIS A 274 -0.03 6.01 -5.57
N LEU A 275 -0.80 4.96 -5.34
CA LEU A 275 -1.31 4.20 -6.47
C LEU A 275 -2.09 5.11 -7.41
N ILE A 276 -2.99 5.92 -6.84
CA ILE A 276 -3.81 6.81 -7.68
C ILE A 276 -2.93 7.84 -8.37
N GLY A 277 -2.03 8.47 -7.63
CA GLY A 277 -1.15 9.45 -8.24
C GLY A 277 -0.23 8.83 -9.27
N ASN A 278 0.48 7.77 -8.89
CA ASN A 278 1.36 7.14 -9.87
C ASN A 278 0.58 6.73 -11.10
N GLY A 279 -0.58 6.11 -10.90
CA GLY A 279 -1.29 5.55 -12.03
C GLY A 279 -1.79 6.64 -12.96
N THR A 280 -2.26 7.75 -12.39
CA THR A 280 -2.68 8.88 -13.19
C THR A 280 -1.50 9.45 -13.97
N ALA A 281 -0.35 9.61 -13.32
CA ALA A 281 0.84 10.05 -14.04
C ALA A 281 1.21 9.05 -15.12
N ALA A 282 1.13 7.75 -14.80
CA ALA A 282 1.47 6.75 -15.82
C ALA A 282 0.57 6.90 -17.05
N LEU A 283 -0.73 7.08 -16.84
CA LEU A 283 -1.64 7.17 -17.98
C LEU A 283 -1.42 8.46 -18.78
N LEU A 284 -1.24 9.61 -18.11
CA LEU A 284 -1.10 10.86 -18.85
C LEU A 284 0.21 10.93 -19.61
N THR A 285 1.26 10.27 -19.12
CA THR A 285 2.51 10.26 -19.89
C THR A 285 2.49 9.22 -20.98
N HIS A 286 1.48 8.34 -21.00
CA HIS A 286 1.27 7.37 -22.09
C HIS A 286 -0.11 7.63 -22.67
N PRO A 287 -0.27 8.72 -23.43
CA PRO A 287 -1.63 9.22 -23.71
C PRO A 287 -2.51 8.24 -24.46
N GLY A 288 -1.94 7.28 -25.19
CA GLY A 288 -2.80 6.28 -25.81
C GLY A 288 -3.46 5.36 -24.80
N GLN A 289 -2.83 5.12 -23.66
CA GLN A 289 -3.48 4.34 -22.62
C GLN A 289 -4.62 5.12 -21.99
N TRP A 290 -4.40 6.41 -21.74
CA TRP A 290 -5.46 7.26 -21.22
C TRP A 290 -6.61 7.29 -22.21
N ALA A 291 -6.28 7.45 -23.49
CA ALA A 291 -7.33 7.46 -24.51
C ALA A 291 -8.07 6.14 -24.56
N LEU A 292 -7.34 5.02 -24.51
CA LEU A 292 -7.97 3.71 -24.51
C LEU A 292 -8.99 3.59 -23.36
N LEU A 293 -8.60 4.02 -22.16
CA LEU A 293 -9.53 3.85 -21.05
C LEU A 293 -10.71 4.81 -21.16
N ARG A 294 -10.51 5.96 -21.81
CA ARG A 294 -11.66 6.84 -21.89
C ARG A 294 -12.64 6.32 -22.90
N LYS A 295 -12.16 5.59 -23.90
CA LYS A 295 -13.05 4.91 -24.82
C LYS A 295 -13.68 3.67 -24.20
N ASP A 296 -12.89 2.89 -23.46
CA ASP A 296 -13.31 1.57 -22.99
C ASP A 296 -13.08 1.47 -21.49
N PRO A 297 -13.91 2.15 -20.68
CA PRO A 297 -13.72 2.09 -19.22
C PRO A 297 -13.91 0.70 -18.65
N ALA A 298 -14.53 -0.22 -19.38
CA ALA A 298 -14.61 -1.61 -18.94
C ALA A 298 -13.25 -2.27 -18.87
N LEU A 299 -12.21 -1.65 -19.44
CA LEU A 299 -10.84 -2.16 -19.33
C LEU A 299 -10.19 -1.84 -17.98
N LEU A 300 -10.80 -0.97 -17.18
CA LEU A 300 -10.19 -0.52 -15.93
C LEU A 300 -9.71 -1.64 -15.02
N PRO A 301 -10.48 -2.70 -14.74
CA PRO A 301 -9.95 -3.74 -13.84
C PRO A 301 -8.65 -4.33 -14.34
N ARG A 302 -8.58 -4.66 -15.64
CA ARG A 302 -7.31 -5.16 -16.19
C ARG A 302 -6.22 -4.09 -16.14
N ALA A 303 -6.58 -2.84 -16.48
CA ALA A 303 -5.63 -1.73 -16.42
C ALA A 303 -5.02 -1.57 -15.02
N VAL A 304 -5.85 -1.67 -13.98
CA VAL A 304 -5.36 -1.49 -12.63
C VAL A 304 -4.34 -2.56 -12.25
N HIS A 305 -4.50 -3.79 -12.76
CA HIS A 305 -3.48 -4.81 -12.55
C HIS A 305 -2.13 -4.37 -13.12
N GLU A 306 -2.13 -3.83 -14.35
CA GLU A 306 -0.88 -3.39 -14.96
C GLU A 306 -0.30 -2.18 -14.24
N LEU A 307 -1.16 -1.22 -13.80
CA LEU A 307 -0.67 -0.08 -13.04
C LEU A 307 -0.03 -0.52 -11.71
N MET A 308 -0.61 -1.53 -11.04
CA MET A 308 0.03 -2.09 -9.84
C MET A 308 1.42 -2.64 -10.17
N ARG A 309 1.50 -3.42 -11.25
CA ARG A 309 2.77 -4.00 -11.63
C ARG A 309 3.77 -2.92 -12.00
N TRP A 310 3.34 -1.93 -12.78
CA TRP A 310 4.27 -1.01 -13.44
C TRP A 310 4.64 0.16 -12.53
N CYS A 311 3.70 0.62 -11.67
CA CYS A 311 3.97 1.79 -10.83
C CYS A 311 3.32 1.69 -9.45
N GLY A 312 3.12 0.49 -8.93
CA GLY A 312 2.66 0.36 -7.55
C GLY A 312 3.56 1.14 -6.61
N SER A 313 2.97 1.63 -5.51
CA SER A 313 3.64 2.57 -4.64
C SER A 313 4.59 1.90 -3.65
N VAL A 314 4.53 0.58 -3.51
CA VAL A 314 5.40 -0.13 -2.58
C VAL A 314 6.38 -0.97 -3.38
N HIS A 315 7.68 -0.76 -3.13
CA HIS A 315 8.70 -1.42 -3.93
C HIS A 315 9.40 -2.57 -3.20
N VAL A 316 9.28 -2.66 -1.88
CA VAL A 316 9.98 -3.69 -1.12
C VAL A 316 9.03 -4.30 -0.10
N ALA A 317 9.29 -5.55 0.25
CA ALA A 317 8.61 -6.16 1.39
C ALA A 317 9.26 -5.74 2.70
N ARG A 318 8.54 -5.94 3.80
CA ARG A 318 9.19 -5.90 5.12
C ARG A 318 10.32 -6.91 5.19
N LEU A 319 11.34 -6.59 5.99
CA LEU A 319 12.51 -7.47 6.10
C LEU A 319 12.11 -8.87 6.58
N ARG A 320 12.66 -9.89 5.93
CA ARG A 320 12.54 -11.26 6.39
C ARG A 320 13.84 -11.70 7.08
N TYR A 321 13.72 -12.74 7.93
CA TYR A 321 14.86 -13.25 8.69
C TYR A 321 14.85 -14.77 8.67
N ALA A 322 15.96 -15.37 8.25
CA ALA A 322 16.08 -16.82 8.28
C ALA A 322 16.09 -17.35 9.72
N THR A 323 15.35 -18.41 9.95
CA THR A 323 15.29 -19.06 11.26
C THR A 323 16.32 -20.17 11.41
N GLU A 324 16.92 -20.59 10.30
CA GLU A 324 17.99 -21.57 10.32
C GLU A 324 18.83 -21.33 9.07
N ASP A 325 20.06 -21.82 9.12
CA ASP A 325 20.91 -21.88 7.94
C ASP A 325 20.15 -22.55 6.81
N LEU A 326 20.32 -22.04 5.59
CA LEU A 326 19.57 -22.60 4.47
C LEU A 326 20.21 -22.13 3.18
N GLU A 327 19.77 -22.75 2.08
CA GLU A 327 20.28 -22.46 0.75
C GLU A 327 19.19 -21.76 -0.04
N LEU A 328 19.48 -20.57 -0.53
CA LEU A 328 18.51 -19.75 -1.22
C LEU A 328 19.03 -19.42 -2.61
N ALA A 329 18.47 -20.08 -3.61
CA ALA A 329 18.83 -19.86 -5.01
C ALA A 329 20.35 -19.91 -5.18
N GLY A 330 20.97 -20.84 -4.45
CA GLY A 330 22.39 -21.08 -4.55
C GLY A 330 23.25 -20.27 -3.61
N THR A 331 22.66 -19.55 -2.66
CA THR A 331 23.47 -18.82 -1.70
C THR A 331 23.25 -19.36 -0.28
N PRO A 332 24.31 -19.59 0.49
CA PRO A 332 24.11 -19.98 1.89
C PRO A 332 23.61 -18.78 2.67
N VAL A 333 22.46 -18.94 3.33
CA VAL A 333 21.95 -17.91 4.22
C VAL A 333 22.03 -18.44 5.65
N ALA A 334 22.60 -17.64 6.52
CA ALA A 334 22.80 -18.03 7.90
C ALA A 334 21.58 -17.66 8.74
N ARG A 335 21.27 -18.54 9.71
CA ARG A 335 20.23 -18.22 10.68
C ARG A 335 20.46 -16.83 11.21
N GLY A 336 19.38 -16.05 11.28
CA GLY A 336 19.45 -14.68 11.72
C GLY A 336 19.71 -13.66 10.63
N ASP A 337 20.18 -14.10 9.45
CA ASP A 337 20.41 -13.16 8.35
C ASP A 337 19.11 -12.50 7.90
N ALA A 338 19.22 -11.21 7.60
CA ALA A 338 18.11 -10.44 7.05
C ALA A 338 18.10 -10.51 5.53
N VAL A 339 16.89 -10.70 4.97
CA VAL A 339 16.67 -10.74 3.53
C VAL A 339 15.70 -9.61 3.16
N GLN A 340 16.08 -8.81 2.17
CA GLN A 340 15.26 -7.71 1.67
C GLN A 340 14.69 -8.16 0.34
N LEU A 341 13.40 -8.47 0.30
CA LEU A 341 12.76 -8.80 -0.95
C LEU A 341 12.40 -7.52 -1.71
N VAL A 342 12.66 -7.52 -3.01
CA VAL A 342 12.49 -6.32 -3.83
C VAL A 342 11.35 -6.60 -4.80
N LEU A 343 10.20 -5.99 -4.51
CA LEU A 343 9.01 -6.27 -5.29
C LEU A 343 9.09 -5.64 -6.68
N VAL A 344 9.73 -4.47 -6.78
CA VAL A 344 9.70 -3.73 -8.04
C VAL A 344 10.52 -4.46 -9.09
N SER A 345 11.69 -4.99 -8.72
CA SER A 345 12.46 -5.72 -9.71
C SER A 345 11.79 -7.03 -10.10
N ALA A 346 11.08 -7.66 -9.16
CA ALA A 346 10.30 -8.86 -9.52
C ALA A 346 9.15 -8.50 -10.47
N ASN A 347 8.56 -7.34 -10.30
CA ASN A 347 7.46 -7.01 -11.19
C ASN A 347 7.94 -6.60 -12.58
N PHE A 348 9.25 -6.37 -12.73
CA PHE A 348 9.85 -6.07 -14.02
C PHE A 348 10.79 -7.17 -14.50
N ASP A 349 10.65 -8.38 -13.95
CA ASP A 349 11.50 -9.51 -14.30
C ASP A 349 11.24 -10.04 -15.71
N PRO A 350 12.20 -9.91 -16.64
CA PRO A 350 12.01 -10.52 -17.97
C PRO A 350 11.91 -12.03 -17.95
N ARG A 351 12.32 -12.70 -16.87
CA ARG A 351 12.05 -14.14 -16.78
C ARG A 351 10.55 -14.44 -16.74
N HIS A 352 9.73 -13.52 -16.26
CA HIS A 352 8.29 -13.77 -16.07
C HIS A 352 7.40 -12.98 -17.01
N TYR A 353 7.86 -11.82 -17.49
CA TYR A 353 7.06 -10.90 -18.28
C TYR A 353 7.71 -10.61 -19.62
N SER A 354 6.90 -10.43 -20.65
CA SER A 354 7.38 -10.08 -21.97
CA SER A 354 7.41 -10.09 -21.97
C SER A 354 7.47 -8.57 -22.11
N ASP A 355 8.68 -8.07 -22.37
CA ASP A 355 8.95 -6.63 -22.42
CA ASP A 355 8.95 -6.63 -22.42
C ASP A 355 8.41 -5.94 -21.16
N PRO A 356 8.93 -6.31 -19.99
CA PRO A 356 8.35 -5.75 -18.75
C PRO A 356 8.46 -4.25 -18.67
N ASP A 357 9.43 -3.63 -19.36
CA ASP A 357 9.58 -2.20 -19.18
C ASP A 357 8.43 -1.41 -19.81
N ARG A 358 7.70 -1.99 -20.78
CA ARG A 358 6.55 -1.31 -21.37
C ARG A 358 5.38 -1.20 -20.39
N LEU A 359 4.72 -0.04 -20.40
CA LEU A 359 3.39 0.06 -19.83
C LEU A 359 2.37 -0.41 -20.87
N ASP A 360 1.56 -1.41 -20.51
CA ASP A 360 0.57 -1.93 -21.46
C ASP A 360 -0.65 -2.40 -20.67
N ILE A 361 -1.67 -1.56 -20.63
CA ILE A 361 -2.82 -1.85 -19.77
C ILE A 361 -3.70 -2.95 -20.34
N THR A 362 -3.35 -3.50 -21.50
CA THR A 362 -4.00 -4.71 -22.01
C THR A 362 -3.19 -5.95 -21.70
N ARG A 363 -2.02 -5.81 -21.05
CA ARG A 363 -1.18 -6.97 -20.78
C ARG A 363 -1.98 -8.05 -20.03
N HIS A 364 -2.58 -7.71 -18.89
CA HIS A 364 -3.36 -8.68 -18.12
C HIS A 364 -4.65 -9.04 -18.84
N GLN A 365 -4.93 -10.34 -18.93
CA GLN A 365 -6.08 -10.80 -19.71
C GLN A 365 -7.36 -10.89 -18.87
N GLU A 366 -8.50 -10.77 -19.54
CA GLU A 366 -9.80 -10.91 -18.90
C GLU A 366 -9.89 -12.25 -18.14
N GLY A 367 -10.22 -12.17 -16.85
CA GLY A 367 -10.32 -13.36 -16.01
C GLY A 367 -9.01 -14.01 -15.62
N GLN A 368 -7.86 -13.45 -15.99
CA GLN A 368 -6.58 -14.01 -15.57
C GLN A 368 -6.35 -13.81 -14.06
N ALA A 369 -5.78 -14.81 -13.42
CA ALA A 369 -5.46 -14.67 -12.00
C ALA A 369 -4.39 -13.60 -11.80
N GLU A 370 -4.42 -12.94 -10.64
CA GLU A 370 -3.43 -11.91 -10.34
C GLU A 370 -2.02 -12.45 -10.56
N ASN A 371 -1.19 -11.62 -11.18
CA ASN A 371 0.08 -12.00 -11.79
C ASN A 371 1.10 -10.87 -11.57
N HIS A 372 1.36 -10.53 -10.30
CA HIS A 372 2.37 -9.56 -9.87
C HIS A 372 2.52 -9.68 -8.37
N VAL A 373 3.59 -9.09 -7.82
CA VAL A 373 3.84 -9.17 -6.38
C VAL A 373 3.74 -7.81 -5.72
N GLY A 374 3.09 -6.84 -6.38
CA GLY A 374 2.96 -5.51 -5.79
C GLY A 374 2.15 -5.47 -4.51
N PHE A 375 1.34 -6.51 -4.25
CA PHE A 375 0.68 -6.70 -2.96
C PHE A 375 1.36 -7.75 -2.09
N GLY A 376 2.52 -8.24 -2.49
CA GLY A 376 3.12 -9.33 -1.71
C GLY A 376 2.62 -10.70 -2.14
N HIS A 377 2.79 -11.65 -1.23
CA HIS A 377 2.58 -13.06 -1.55
C HIS A 377 2.63 -13.84 -0.26
N GLY A 378 1.85 -14.91 -0.20
CA GLY A 378 1.84 -15.73 1.00
C GLY A 378 0.98 -15.15 2.13
N ILE A 379 1.35 -15.50 3.36
CA ILE A 379 0.43 -15.28 4.47
C ILE A 379 0.31 -13.82 4.83
N HIS A 380 1.34 -12.99 4.54
CA HIS A 380 1.28 -11.56 4.77
C HIS A 380 0.76 -10.77 3.56
N TYR A 381 0.23 -11.45 2.54
CA TYR A 381 -0.33 -10.75 1.37
C TYR A 381 -1.29 -9.67 1.82
N CYS A 382 -1.14 -8.49 1.20
CA CYS A 382 -1.88 -7.28 1.57
C CYS A 382 -3.35 -7.55 1.88
N LEU A 383 -3.78 -7.37 3.12
CA LEU A 383 -5.19 -7.68 3.31
C LEU A 383 -6.10 -6.53 2.89
N GLY A 384 -5.53 -5.38 2.51
CA GLY A 384 -6.28 -4.28 1.93
C GLY A 384 -6.37 -4.31 0.44
N ALA A 385 -5.83 -5.36 -0.21
CA ALA A 385 -5.67 -5.38 -1.67
C ALA A 385 -7.01 -5.17 -2.38
N THR A 386 -8.06 -5.87 -1.95
CA THR A 386 -9.36 -5.68 -2.60
C THR A 386 -9.85 -4.26 -2.46
N LEU A 387 -9.67 -3.66 -1.28
CA LEU A 387 -10.06 -2.27 -1.12
C LEU A 387 -9.21 -1.36 -2.00
N ALA A 388 -7.90 -1.60 -2.07
CA ALA A 388 -7.01 -0.77 -2.88
C ALA A 388 -7.34 -0.87 -4.35
N ARG A 389 -7.56 -2.09 -4.86
CA ARG A 389 -7.92 -2.25 -6.27
C ARG A 389 -9.23 -1.53 -6.58
N GLN A 390 -10.18 -1.57 -5.65
CA GLN A 390 -11.45 -0.88 -5.87
CA GLN A 390 -11.45 -0.88 -5.90
C GLN A 390 -11.25 0.63 -5.85
N GLU A 391 -10.48 1.11 -4.88
CA GLU A 391 -10.19 2.53 -4.81
C GLU A 391 -9.58 3.06 -6.09
N GLY A 392 -8.49 2.43 -6.55
CA GLY A 392 -7.88 2.87 -7.78
C GLY A 392 -8.81 2.79 -8.98
N GLU A 393 -9.54 1.69 -9.12
CA GLU A 393 -10.47 1.58 -10.23
CA GLU A 393 -10.48 1.58 -10.23
C GLU A 393 -11.49 2.71 -10.19
N VAL A 394 -12.05 3.01 -9.00
CA VAL A 394 -13.10 4.01 -8.92
C VAL A 394 -12.53 5.40 -9.15
N ALA A 395 -11.39 5.69 -8.52
CA ALA A 395 -10.74 6.99 -8.69
C ALA A 395 -10.44 7.27 -10.15
N LEU A 396 -9.84 6.30 -10.84
CA LEU A 396 -9.55 6.48 -12.25
C LEU A 396 -10.83 6.68 -13.06
N ALA A 397 -11.84 5.84 -12.81
CA ALA A 397 -13.11 5.90 -13.56
C ALA A 397 -13.73 7.28 -13.48
N ARG A 398 -13.84 7.80 -12.28
CA ARG A 398 -14.47 9.10 -12.09
C ARG A 398 -13.60 10.21 -12.63
N LEU A 399 -12.29 10.06 -12.55
CA LEU A 399 -11.40 11.07 -13.10
C LEU A 399 -11.49 11.10 -14.62
N LEU A 400 -11.44 9.93 -15.25
CA LEU A 400 -11.65 9.79 -16.68
C LEU A 400 -12.98 10.41 -17.15
N GLU A 401 -14.08 10.17 -16.41
CA GLU A 401 -15.36 10.67 -16.88
C GLU A 401 -15.52 12.15 -16.62
N THR A 402 -14.96 12.65 -15.52
CA THR A 402 -15.21 14.03 -15.12
C THR A 402 -14.25 15.01 -15.79
N TYR A 403 -13.04 14.59 -16.12
CA TYR A 403 -12.06 15.44 -16.81
C TYR A 403 -11.46 14.66 -17.94
N PRO A 404 -12.25 14.33 -18.95
CA PRO A 404 -11.74 13.55 -20.08
C PRO A 404 -10.55 14.20 -20.79
N ASP A 405 -10.34 15.51 -20.66
CA ASP A 405 -9.21 16.16 -21.32
C ASP A 405 -8.13 16.61 -20.35
N LEU A 406 -8.16 16.10 -19.13
CA LEU A 406 -7.08 16.24 -18.16
C LEU A 406 -5.71 16.23 -18.83
N ALA A 407 -4.84 17.16 -18.45
CA ALA A 407 -3.49 17.23 -19.00
C ALA A 407 -2.46 17.48 -17.91
N LEU A 408 -1.24 16.99 -18.15
CA LEU A 408 -0.11 17.36 -17.32
C LEU A 408 0.14 18.86 -17.43
N ALA A 409 0.36 19.53 -16.30
CA ALA A 409 0.93 20.86 -16.36
C ALA A 409 2.32 20.74 -16.98
N ASP A 410 2.76 21.79 -17.65
CA ASP A 410 3.97 21.59 -18.47
C ASP A 410 5.11 21.07 -17.62
N GLY A 411 5.54 19.86 -17.91
CA GLY A 411 6.62 19.26 -17.17
C GLY A 411 6.64 17.75 -17.27
N ASP A 412 7.83 17.20 -17.09
CA ASP A 412 7.96 15.79 -16.76
C ASP A 412 7.48 15.63 -15.34
N PRO A 413 6.44 14.83 -15.08
CA PRO A 413 5.97 14.66 -13.70
C PRO A 413 7.05 14.14 -12.77
N GLU A 414 8.04 13.40 -13.29
CA GLU A 414 9.10 12.81 -12.48
C GLU A 414 9.92 13.85 -11.71
N VAL A 415 9.85 15.12 -12.10
CA VAL A 415 10.53 16.16 -11.34
C VAL A 415 10.06 16.17 -9.89
N ARG A 416 8.84 15.69 -9.63
CA ARG A 416 8.31 15.69 -8.28
C ARG A 416 8.49 14.35 -7.59
N ARG A 417 9.23 13.43 -8.19
CA ARG A 417 9.42 12.10 -7.62
C ARG A 417 10.26 12.14 -6.35
N ALA A 418 9.67 11.74 -5.23
CA ALA A 418 10.41 11.60 -3.99
C ALA A 418 11.50 10.55 -4.12
N ARG A 419 12.48 10.63 -3.24
CA ARG A 419 13.66 9.79 -3.21
C ARG A 419 13.56 8.95 -1.94
N LEU A 420 12.77 7.87 -2.03
CA LEU A 420 12.37 7.10 -0.87
C LEU A 420 12.83 5.66 -1.03
N PRO A 421 13.48 5.06 -0.03
CA PRO A 421 14.01 3.70 -0.20
C PRO A 421 12.91 2.66 -0.05
N GLY A 422 12.54 2.02 -1.16
CA GLY A 422 11.50 1.02 -1.12
C GLY A 422 10.10 1.52 -1.31
N SER A 423 9.89 2.83 -1.42
CA SER A 423 8.59 3.42 -1.76
C SER A 423 8.69 4.22 -3.07
N TRP A 424 7.55 4.47 -3.70
CA TRP A 424 7.54 5.13 -5.01
C TRP A 424 6.38 6.13 -5.03
N ARG A 425 6.69 7.41 -4.85
CA ARG A 425 5.70 8.43 -4.50
C ARG A 425 6.04 9.78 -5.12
N LEU A 426 5.00 10.53 -5.47
CA LEU A 426 5.17 11.87 -6.02
C LEU A 426 4.88 12.91 -4.94
N ASP A 427 5.73 13.92 -4.84
CA ASP A 427 5.42 15.03 -3.94
C ASP A 427 4.16 15.73 -4.38
N ALA A 428 3.90 15.77 -5.68
CA ALA A 428 2.69 16.41 -6.19
C ALA A 428 2.55 15.98 -7.64
N LEU A 429 1.35 16.20 -8.18
CA LEU A 429 1.06 15.94 -9.59
C LEU A 429 0.19 17.08 -10.08
N ARG A 430 0.81 18.07 -10.74
CA ARG A 430 0.13 19.29 -11.14
C ARG A 430 -0.55 19.07 -12.48
N LEU A 431 -1.86 19.31 -12.53
CA LEU A 431 -2.61 19.03 -13.74
C LEU A 431 -3.41 20.25 -14.18
N ARG A 432 -3.78 20.25 -15.46
CA ARG A 432 -4.79 21.15 -15.97
C ARG A 432 -6.05 20.36 -16.25
N LEU A 433 -7.13 20.76 -15.57
CA LEU A 433 -8.40 20.05 -15.68
C LEU A 433 -8.97 20.12 -17.07
N ARG A 434 -8.91 21.30 -17.69
CA ARG A 434 -9.57 21.51 -18.98
C ARG A 434 -8.67 22.32 -19.91
N PRO A 435 -8.77 22.08 -21.22
CA PRO A 435 -8.03 22.84 -22.25
C PRO A 435 -8.46 24.30 -22.27
C1 GOL B . -8.03 -24.41 16.81
O1 GOL B . -6.64 -24.59 16.63
C2 GOL B . -8.40 -22.93 16.77
O2 GOL B . -7.35 -22.22 16.18
C3 GOL B . -9.67 -22.70 15.93
O3 GOL B . -10.12 -21.38 16.15
C1 GOL C . -12.66 -4.57 -21.58
O1 GOL C . -12.13 -4.52 -22.89
C2 GOL C . -13.54 -5.83 -21.41
O2 GOL C . -14.53 -5.85 -22.41
C3 GOL C . -12.66 -7.04 -21.62
O3 GOL C . -11.77 -7.13 -20.55
O1 PG4 D . 13.55 7.07 -14.59
C1 PG4 D . 13.16 6.69 -13.30
C2 PG4 D . 11.64 6.43 -13.26
O2 PG4 D . 11.24 5.26 -13.96
C3 PG4 D . 10.03 5.39 -14.66
C4 PG4 D . 9.32 4.04 -14.85
O3 PG4 D . 10.22 2.99 -15.08
C5 PG4 D . 10.07 2.30 -16.30
C6 PG4 D . 11.18 1.27 -16.43
O4 PG4 D . 11.79 1.40 -17.68
CHA HEM E . 0.45 -5.86 3.54
CHB HEM E . 1.06 -3.22 -0.45
CHC HEM E . -3.09 -0.94 0.40
CHD HEM E . -3.38 -3.14 4.71
C1A HEM E . 0.95 -5.40 2.34
C2A HEM E . 2.09 -5.94 1.63
C3A HEM E . 2.25 -5.20 0.53
C4A HEM E . 1.21 -4.18 0.52
CMA HEM E . 3.33 -5.35 -0.55
CAA HEM E . 2.97 -7.15 2.05
CBA HEM E . 4.21 -6.69 2.86
CGA HEM E . 5.12 -7.84 3.32
O1A HEM E . 6.20 -7.53 3.90
O2A HEM E . 4.78 -9.06 3.14
C1B HEM E . 0.00 -2.39 -0.58
C2B HEM E . -0.21 -1.45 -1.68
C3B HEM E . -1.37 -0.80 -1.39
C4B HEM E . -1.89 -1.35 -0.15
CMB HEM E . 0.74 -1.22 -2.88
CAB HEM E . -2.16 0.28 -2.15
CBB HEM E . -2.29 0.31 -3.47
C1C HEM E . -3.57 -1.33 1.63
C2C HEM E . -4.81 -0.91 2.25
C3C HEM E . -4.83 -1.51 3.46
C4C HEM E . -3.66 -2.34 3.63
CMC HEM E . -5.84 0.08 1.62
CAC HEM E . -5.88 -1.47 4.56
CBC HEM E . -7.18 -1.42 4.28
C1D HEM E . -2.36 -4.08 4.81
C2D HEM E . -2.01 -4.88 5.97
C3D HEM E . -0.94 -5.66 5.64
C4D HEM E . -0.58 -5.33 4.27
CMD HEM E . -2.80 -4.87 7.31
CAD HEM E . -0.22 -6.70 6.54
CBD HEM E . -0.85 -8.09 6.32
CGD HEM E . -0.26 -9.20 7.19
O1D HEM E . 0.87 -9.01 7.71
O2D HEM E . -0.91 -10.29 7.36
NA HEM E . 0.44 -4.33 1.64
NB HEM E . -1.02 -2.30 0.33
NC HEM E . -2.91 -2.19 2.50
ND HEM E . -1.44 -4.36 3.81
FE HEM E . -1.25 -3.36 2.06
#